data_2NP7
#
_entry.id   2NP7
#
_cell.length_a   60.210
_cell.length_b   70.166
_cell.length_c   114.947
_cell.angle_alpha   90.00
_cell.angle_beta   90.00
_cell.angle_gamma   90.00
#
_symmetry.space_group_name_H-M   'P 21 21 21'
#
loop_
_entity.id
_entity.type
_entity.pdbx_description
1 polymer "5'-D(*GP*TP*TP*CP*GP*(3DR)P*TP*GP*TP*C)-3'"
2 polymer "5'-D(*GP*AP*CP*AP*(4PC)P*CP*GP*(6MA)P*AP*C)-3'"
3 polymer 'Modification methylase TaqI'
4 non-polymer "5'-DEOXY-5'-[2-(AMINO)ETHYLTHIO]ADENOSINE"
5 non-polymer GLYCEROL
6 water water
#
loop_
_entity_poly.entity_id
_entity_poly.type
_entity_poly.pdbx_seq_one_letter_code
_entity_poly.pdbx_strand_id
1 'polydeoxyribonucleotide' (DG)(DT)(DT)(DC)(DG)(3DR)(DT)(DG)(DT)(DC) B
2 'polydeoxyribonucleotide' (DG)(DA)(DC)(DA)(4PC)(DC)(DG)(6MA)(DA)(DC) C
3 'polypeptide(L)'
;MGLPPLLSLPSNSAPRSLGRVETPPEVVDFMVSLAEAPRGGRVLEPACAHGPFLRAFREAHGTAYRFVGVEIDPKALDLP
PWAEGILADFLLWEPGEAFDLILGNPPYGIVGEASKYPIHVFKAVKDLYKKAFSTWKGKYNLYGAFLEKAVRLLKPGGVL
VFVVPATWLVLEDFALLREFLAREGKTSVYYLGEVFPQKKVSAVVIRFQKSGKGLSLWDTQESESGFTPILWAEYPHWEG
EIIRFETEETRKLEISGMPLGDLFHIRFAARSPEFKKHPAVRKEPGPGLVPVLTGRNLKPGWVDYEKNHSGLWMPKERAK
ELRDFYATPHLVVAHTKGTRVVAAWDERAYPWREEFHLLPKEGVRLDPSSLVQWLNSEAMQKHVRTLYRDFVPHLTLRML
ERLPVRREYGFHTSPESARNF
;
A
#
loop_
_chem_comp.id
_chem_comp.type
_chem_comp.name
_chem_comp.formula
3DR DNA linking 1',2'-DIDEOXYRIBOFURANOSE-5'-PHOSPHATE 'C5 H11 O6 P'
4PC DNA linking 3-(2'-DEOXY-5-O-PHOSPHONO-BETA-D-ERYTHRO-PENTOFURANOSYL)-6-METHYL-3,7-DIHYDRO-2H-PYRROLO[2,3-D]PYRIMIDIN-2-ONE 'C12 H16 N3 O7 P'
6MA DNA linking N6-METHYL-DEOXY-ADENOSINE-5'-MONOPHOSPHATE 'C11 H16 N5 O6 P'
DA DNA linking 2'-DEOXYADENOSINE-5'-MONOPHOSPHATE 'C10 H14 N5 O6 P'
DC DNA linking 2'-DEOXYCYTIDINE-5'-MONOPHOSPHATE 'C9 H14 N3 O7 P'
DG DNA linking 2'-DEOXYGUANOSINE-5'-MONOPHOSPHATE 'C10 H14 N5 O7 P'
DT DNA linking THYMIDINE-5'-MONOPHOSPHATE 'C10 H15 N2 O8 P'
GOL non-polymer GLYCEROL 'C3 H8 O3'
NEA non-polymer 5'-DEOXY-5'-[2-(AMINO)ETHYLTHIO]ADENOSINE 'C12 H18 N6 O3 S'
#
# COMPACT_ATOMS: atom_id res chain seq x y z
O5' 3DR A 6 -9.70 1.84 -3.34
P 3DR A 6 -9.62 3.11 -4.32
OP1 3DR A 6 -10.89 3.18 -5.09
OP2 3DR A 6 -9.13 4.28 -3.55
C2' 3DR A 6 -12.64 -0.44 -1.59
C5' 3DR A 6 -9.93 0.54 -3.91
C4' 3DR A 6 -10.80 -0.35 -3.05
O4' 3DR A 6 -10.32 -0.27 -1.69
C1' 3DR A 6 -11.41 0.05 -0.85
C3' 3DR A 6 -12.29 0.00 -3.00
O3' 3DR A 6 -13.06 -0.73 -3.95
P 4PC B 5 -2.11 -4.98 -17.06
OP1 4PC B 5 -1.82 -4.65 -18.49
OP2 4PC B 5 -1.14 -5.77 -16.29
O5' 4PC B 5 -2.45 -3.71 -16.15
C5' 4PC B 5 -2.89 -2.49 -16.69
C4' 4PC B 5 -4.40 -2.38 -16.73
O4' 4PC B 5 -4.98 -2.57 -15.41
C3' 4PC B 5 -4.87 -1.02 -17.21
O3' 4PC B 5 -6.00 -1.17 -18.05
C2' 4PC B 5 -5.23 -0.31 -15.91
C1' 4PC B 5 -5.84 -1.49 -15.18
N1 4PC B 5 -6.18 -1.32 -13.72
C2 4PC B 5 -7.14 -0.36 -13.38
O2 4PC B 5 -7.67 0.33 -14.26
N3 4PC B 5 -7.51 -0.16 -12.10
C4 4PC B 5 -6.95 -0.91 -11.14
C5 4PC B 5 -5.98 -1.90 -11.44
C6 4PC B 5 -5.60 -2.08 -12.72
C14 4PC B 5 -5.63 -2.45 -10.27
C15 4PC B 5 -6.35 -1.85 -9.29
C16 4PC B 5 -6.35 -2.13 -7.82
N17 4PC B 5 -7.14 -0.93 -9.83
P 6MA B 8 -4.94 11.58 -17.98
OP1 6MA B 8 -6.25 11.21 -18.55
OP2 6MA B 8 -3.99 12.35 -18.79
O5' 6MA B 8 -5.18 12.32 -16.59
C5' 6MA B 8 -6.12 11.86 -15.63
C4' 6MA B 8 -5.57 12.01 -14.22
O4' 6MA B 8 -4.46 11.09 -14.02
C3' 6MA B 8 -5.01 13.38 -13.89
O3' 6MA B 8 -5.27 13.63 -12.52
C2' 6MA B 8 -3.51 13.24 -14.21
C1' 6MA B 8 -3.25 11.79 -13.78
N9 6MA B 8 -2.25 11.03 -14.52
C8 6MA B 8 -1.90 11.13 -15.84
N7 6MA B 8 -0.98 10.27 -16.20
C5 6MA B 8 -0.70 9.54 -15.04
C6 6MA B 8 0.18 8.45 -14.76
N1 6MA B 8 0.18 7.97 -13.49
C2 6MA B 8 -0.63 8.54 -12.57
N3 6MA B 8 -1.51 9.54 -12.73
C4 6MA B 8 -1.49 10.00 -14.00
N6 6MA B 8 1.04 7.85 -15.62
C1 6MA B 8 1.16 8.15 -17.06
N VAL C 21 -18.20 3.33 4.11
CA VAL C 21 -18.64 4.24 5.20
C VAL C 21 -19.18 3.44 6.39
N GLU C 22 -18.92 2.13 6.38
CA GLU C 22 -19.37 1.24 7.44
C GLU C 22 -18.20 0.42 7.95
N THR C 23 -18.31 0.01 9.21
CA THR C 23 -17.35 -0.88 9.83
C THR C 23 -18.17 -2.02 10.43
N PRO C 24 -17.82 -3.28 10.12
CA PRO C 24 -18.51 -4.42 10.70
C PRO C 24 -18.44 -4.41 12.22
N PRO C 25 -19.51 -4.85 12.90
CA PRO C 25 -19.57 -4.85 14.35
C PRO C 25 -18.36 -5.52 15.00
N GLU C 26 -17.87 -6.62 14.44
CA GLU C 26 -16.76 -7.26 15.14
C GLU C 26 -15.39 -6.60 14.94
N VAL C 27 -15.28 -5.78 13.90
CA VAL C 27 -14.12 -4.90 13.74
C VAL C 27 -14.17 -3.76 14.75
N VAL C 28 -15.33 -3.12 14.88
CA VAL C 28 -15.57 -2.12 15.93
C VAL C 28 -15.22 -2.68 17.32
N ASP C 29 -15.76 -3.86 17.66
CA ASP C 29 -15.54 -4.47 18.97
C ASP C 29 -14.07 -4.76 19.23
N PHE C 30 -13.37 -5.28 18.22
CA PHE C 30 -11.94 -5.52 18.31
C PHE C 30 -11.19 -4.21 18.60
N MET C 31 -11.51 -3.16 17.84
CA MET C 31 -10.81 -1.88 17.97
C MET C 31 -11.04 -1.25 19.34
N VAL C 32 -12.28 -1.34 19.83
CA VAL C 32 -12.60 -0.78 21.16
C VAL C 32 -11.85 -1.56 22.26
N SER C 33 -11.67 -2.87 22.06
CA SER C 33 -10.90 -3.72 22.97
C SER C 33 -9.43 -3.29 23.02
N LEU C 34 -8.97 -2.62 21.97
CA LEU C 34 -7.60 -2.11 21.91
C LEU C 34 -7.46 -0.68 22.46
N ALA C 35 -8.58 0.02 22.59
CA ALA C 35 -8.61 1.43 22.99
C ALA C 35 -8.50 1.64 24.49
N GLU C 36 -7.84 2.73 24.88
CA GLU C 36 -7.76 3.15 26.28
C GLU C 36 -7.75 4.67 26.40
N ALA C 37 -8.30 5.18 27.50
CA ALA C 37 -8.31 6.61 27.82
C ALA C 37 -8.38 6.78 29.34
N PRO C 38 -7.72 7.81 29.89
CA PRO C 38 -7.96 8.05 31.32
C PRO C 38 -9.38 8.55 31.58
N ARG C 39 -9.89 8.37 32.80
CA ARG C 39 -11.23 8.90 33.06
C ARG C 39 -11.22 10.42 33.04
N GLY C 40 -12.29 10.98 32.49
CA GLY C 40 -12.34 12.39 32.15
C GLY C 40 -11.65 12.70 30.84
N GLY C 41 -11.14 11.65 30.18
CA GLY C 41 -10.32 11.79 28.97
C GLY C 41 -11.09 12.28 27.76
N ARG C 42 -10.36 12.88 26.82
CA ARG C 42 -10.97 13.35 25.58
C ARG C 42 -10.84 12.29 24.49
N VAL C 43 -12.00 11.83 24.02
CA VAL C 43 -12.13 10.75 23.04
C VAL C 43 -12.68 11.32 21.73
N LEU C 44 -12.02 11.04 20.60
CA LEU C 44 -12.42 11.63 19.32
C LEU C 44 -12.65 10.58 18.24
N GLU C 45 -13.76 10.72 17.52
CA GLU C 45 -13.98 9.95 16.29
C GLU C 45 -14.01 10.90 15.09
N PRO C 46 -12.91 10.91 14.30
CA PRO C 46 -12.87 11.70 13.06
C PRO C 46 -13.76 11.06 12.00
N ALA C 47 -14.29 11.88 11.08
CA ALA C 47 -15.19 11.38 10.02
C ALA C 47 -16.31 10.51 10.59
N CYS C 48 -17.05 11.03 11.57
CA CYS C 48 -17.80 10.17 12.48
C CYS C 48 -19.17 9.71 12.01
N ALA C 49 -19.80 10.47 11.09
CA ALA C 49 -21.22 10.29 10.73
C ALA C 49 -22.06 10.15 12.02
N HIS C 50 -22.68 8.99 12.25
CA HIS C 50 -23.50 8.78 13.46
C HIS C 50 -22.70 8.43 14.72
N GLY C 51 -21.37 8.36 14.61
CA GLY C 51 -20.48 8.07 15.75
C GLY C 51 -20.52 6.65 16.30
N PRO C 52 -20.40 5.63 15.43
CA PRO C 52 -20.43 4.26 15.97
C PRO C 52 -19.29 3.92 16.94
N PHE C 53 -18.09 4.46 16.74
CA PHE C 53 -16.99 4.19 17.65
C PHE C 53 -17.18 4.88 19.01
N LEU C 54 -17.63 6.13 18.98
CA LEU C 54 -17.99 6.84 20.21
C LEU C 54 -19.02 6.04 21.01
N ARG C 55 -20.03 5.54 20.32
CA ARG C 55 -21.12 4.76 20.96
C ARG C 55 -20.58 3.45 21.54
N ALA C 56 -19.82 2.72 20.72
CA ALA C 56 -19.22 1.47 21.17
C ALA C 56 -18.25 1.67 22.33
N PHE C 57 -17.46 2.74 22.29
CA PHE C 57 -16.53 3.00 23.38
C PHE C 57 -17.27 3.31 24.69
N ARG C 58 -18.31 4.15 24.57
CA ARG C 58 -19.13 4.53 25.72
C ARG C 58 -19.88 3.34 26.30
N GLU C 59 -20.40 2.47 25.43
CA GLU C 59 -21.02 1.22 25.87
C GLU C 59 -20.08 0.36 26.69
N ALA C 60 -18.83 0.24 26.21
CA ALA C 60 -17.86 -0.67 26.80
C ALA C 60 -17.26 -0.10 28.09
N HIS C 61 -16.92 1.18 28.08
CA HIS C 61 -16.18 1.81 29.19
C HIS C 61 -16.98 2.83 30.02
N GLY C 62 -18.22 3.11 29.64
CA GLY C 62 -19.07 4.02 30.41
C GLY C 62 -18.94 5.48 30.02
N THR C 63 -19.49 6.35 30.86
CA THR C 63 -19.83 7.73 30.51
C THR C 63 -18.82 8.79 30.92
N ALA C 64 -17.85 8.41 31.73
CA ALA C 64 -16.87 9.36 32.28
C ALA C 64 -15.74 9.75 31.31
N TYR C 65 -16.11 10.27 30.14
CA TYR C 65 -15.16 10.83 29.17
C TYR C 65 -15.81 12.01 28.46
N ARG C 66 -15.00 12.82 27.79
CA ARG C 66 -15.53 13.86 26.90
C ARG C 66 -15.47 13.39 25.44
N PHE C 67 -16.64 13.17 24.82
CA PHE C 67 -16.72 12.58 23.48
C PHE C 67 -16.89 13.65 22.41
N VAL C 68 -16.05 13.59 21.39
CA VAL C 68 -16.07 14.53 20.28
C VAL C 68 -16.12 13.73 18.95
N GLY C 69 -16.98 14.17 18.03
CA GLY C 69 -17.00 13.62 16.67
C GLY C 69 -16.90 14.74 15.67
N VAL C 70 -16.07 14.56 14.64
CA VAL C 70 -15.91 15.54 13.56
C VAL C 70 -16.41 14.97 12.24
N GLU C 71 -17.23 15.74 11.53
CA GLU C 71 -17.91 15.27 10.33
C GLU C 71 -18.02 16.44 9.36
N ILE C 72 -17.76 16.17 8.08
CA ILE C 72 -17.70 17.23 7.08
C ILE C 72 -19.06 17.52 6.46
N ASP C 73 -19.94 16.52 6.51
CA ASP C 73 -21.26 16.57 5.87
C ASP C 73 -22.33 16.70 6.96
N PRO C 74 -22.92 17.90 7.11
CA PRO C 74 -23.94 18.17 8.13
C PRO C 74 -25.11 17.21 8.14
N LYS C 75 -25.45 16.66 6.97
CA LYS C 75 -26.54 15.69 6.83
C LYS C 75 -26.14 14.30 7.33
N ALA C 76 -24.83 14.07 7.51
CA ALA C 76 -24.32 12.80 8.03
C ALA C 76 -24.11 12.83 9.54
N LEU C 77 -23.80 14.00 10.08
CA LEU C 77 -23.52 14.16 11.51
C LEU C 77 -24.77 13.92 12.36
N ASP C 78 -24.70 12.91 13.23
CA ASP C 78 -25.88 12.44 13.97
C ASP C 78 -25.48 11.78 15.31
N LEU C 79 -25.11 12.59 16.28
CA LEU C 79 -24.58 12.10 17.55
C LEU C 79 -25.58 12.35 18.68
N PRO C 80 -25.58 11.47 19.71
CA PRO C 80 -26.43 11.74 20.87
C PRO C 80 -25.96 12.96 21.67
N PRO C 81 -26.82 13.47 22.58
CA PRO C 81 -26.53 14.67 23.37
C PRO C 81 -25.19 14.62 24.10
N TRP C 82 -24.76 13.42 24.49
CA TRP C 82 -23.52 13.26 25.27
C TRP C 82 -22.21 13.46 24.49
N ALA C 83 -22.30 13.64 23.17
CA ALA C 83 -21.11 13.89 22.34
C ALA C 83 -21.10 15.31 21.76
N GLU C 84 -19.93 15.97 21.73
CA GLU C 84 -19.81 17.23 20.96
C GLU C 84 -19.59 16.92 19.48
N GLY C 85 -20.47 17.46 18.64
CA GLY C 85 -20.34 17.33 17.18
C GLY C 85 -19.74 18.59 16.60
N ILE C 86 -18.78 18.41 15.69
CA ILE C 86 -18.15 19.54 15.01
C ILE C 86 -18.33 19.34 13.52
N LEU C 87 -18.74 20.39 12.83
CA LEU C 87 -18.89 20.36 11.37
C LEU C 87 -17.67 21.00 10.72
N ALA C 88 -16.75 20.16 10.24
CA ALA C 88 -15.50 20.65 9.69
C ALA C 88 -14.81 19.59 8.85
N ASP C 89 -13.90 20.06 8.01
CA ASP C 89 -12.92 19.18 7.38
C ASP C 89 -11.93 18.79 8.47
N PHE C 90 -11.96 17.52 8.88
CA PHE C 90 -11.06 17.03 9.95
C PHE C 90 -9.60 17.37 9.66
N LEU C 91 -9.21 17.26 8.39
CA LEU C 91 -7.84 17.53 7.97
C LEU C 91 -7.39 18.99 8.15
N LEU C 92 -8.35 19.92 8.19
CA LEU C 92 -8.05 21.35 8.32
C LEU C 92 -8.48 21.92 9.69
N TRP C 93 -9.09 21.07 10.49
CA TRP C 93 -9.63 21.42 11.79
C TRP C 93 -8.54 21.55 12.85
N GLU C 94 -8.57 22.62 13.63
CA GLU C 94 -7.63 22.80 14.74
C GLU C 94 -8.37 22.96 16.06
N PRO C 95 -8.50 21.88 16.85
CA PRO C 95 -9.06 22.02 18.20
C PRO C 95 -8.18 22.88 19.11
N GLY C 96 -8.76 23.36 20.20
CA GLY C 96 -7.99 24.10 21.19
C GLY C 96 -7.07 23.18 22.00
N GLU C 97 -7.53 21.94 22.20
CA GLU C 97 -6.85 20.99 23.04
C GLU C 97 -6.72 19.62 22.36
N ALA C 98 -5.60 18.95 22.59
CA ALA C 98 -5.34 17.60 22.07
C ALA C 98 -6.14 16.50 22.77
N PHE C 99 -5.99 15.26 22.29
CA PHE C 99 -6.85 14.15 22.67
C PHE C 99 -6.13 12.98 23.32
N ASP C 100 -6.84 12.31 24.22
CA ASP C 100 -6.34 11.12 24.89
C ASP C 100 -6.50 9.90 24.01
N LEU C 101 -7.62 9.82 23.31
CA LEU C 101 -7.93 8.67 22.46
C LEU C 101 -8.58 9.14 21.17
N ILE C 102 -8.07 8.64 20.05
CA ILE C 102 -8.67 8.89 18.75
C ILE C 102 -8.93 7.55 18.10
N LEU C 103 -10.16 7.31 17.70
CA LEU C 103 -10.48 6.05 17.03
C LEU C 103 -11.43 6.25 15.86
N GLY C 104 -11.41 5.28 14.95
CA GLY C 104 -12.38 5.30 13.89
C GLY C 104 -11.92 4.64 12.61
N ASN C 105 -12.68 4.93 11.56
CA ASN C 105 -12.48 4.36 10.25
C ASN C 105 -12.41 5.52 9.25
N PRO C 106 -11.20 6.02 8.97
CA PRO C 106 -11.13 7.22 8.11
C PRO C 106 -11.49 6.95 6.64
N PRO C 107 -11.87 8.01 5.90
CA PRO C 107 -12.11 7.84 4.47
C PRO C 107 -10.79 7.53 3.74
N TYR C 108 -10.92 6.88 2.58
CA TYR C 108 -9.76 6.52 1.76
C TYR C 108 -10.00 7.01 0.35
N GLY C 109 -8.91 7.19 -0.39
CA GLY C 109 -9.01 7.49 -1.81
C GLY C 109 -7.98 8.52 -2.18
N ILE C 110 -7.59 8.48 -3.45
CA ILE C 110 -6.67 9.46 -4.02
C ILE C 110 -7.43 10.75 -4.40
N VAL C 111 -6.91 11.88 -3.95
CA VAL C 111 -7.40 13.18 -4.40
C VAL C 111 -6.89 13.49 -5.79
N GLY C 112 -7.80 13.58 -6.75
CA GLY C 112 -7.43 13.96 -8.11
C GLY C 112 -8.61 14.04 -9.05
N GLU C 113 -8.30 14.22 -10.34
CA GLU C 113 -9.29 14.43 -11.40
C GLU C 113 -10.27 13.28 -11.46
N ALA C 114 -11.57 13.61 -11.57
CA ALA C 114 -12.66 12.62 -11.52
C ALA C 114 -12.60 11.51 -12.58
N SER C 115 -11.95 11.77 -13.71
CA SER C 115 -11.85 10.74 -14.75
C SER C 115 -11.04 9.53 -14.29
N LYS C 116 -10.25 9.70 -13.22
CA LYS C 116 -9.28 8.70 -12.81
C LYS C 116 -9.27 8.41 -11.30
N TYR C 117 -9.59 9.43 -10.50
CA TYR C 117 -9.52 9.32 -9.02
C TYR C 117 -10.86 9.66 -8.36
N PRO C 118 -11.15 9.06 -7.18
CA PRO C 118 -12.47 9.22 -6.55
C PRO C 118 -12.69 10.48 -5.69
N ILE C 119 -11.62 11.12 -5.21
CA ILE C 119 -11.77 12.23 -4.25
C ILE C 119 -11.58 13.58 -4.92
N HIS C 120 -12.66 14.35 -4.93
CA HIS C 120 -12.71 15.59 -5.69
C HIS C 120 -12.77 16.81 -4.79
N VAL C 121 -11.67 17.54 -4.71
CA VAL C 121 -11.61 18.79 -3.94
C VAL C 121 -11.08 19.92 -4.81
N PHE C 122 -11.36 21.16 -4.39
CA PHE C 122 -10.79 22.33 -5.04
C PHE C 122 -9.26 22.31 -4.89
N LYS C 123 -8.56 22.78 -5.92
CA LYS C 123 -7.09 22.77 -5.92
C LYS C 123 -6.52 23.47 -4.68
N ALA C 124 -7.19 24.53 -4.25
CA ALA C 124 -6.80 25.26 -3.04
C ALA C 124 -6.80 24.35 -1.80
N VAL C 125 -7.79 23.46 -1.71
CA VAL C 125 -7.92 22.50 -0.61
C VAL C 125 -6.77 21.46 -0.64
N LYS C 126 -6.47 20.93 -1.82
CA LYS C 126 -5.34 20.00 -1.96
C LYS C 126 -4.00 20.69 -1.63
N ASP C 127 -3.83 21.94 -2.06
CA ASP C 127 -2.64 22.72 -1.66
C ASP C 127 -2.55 22.87 -0.15
N LEU C 128 -3.68 23.10 0.51
CA LEU C 128 -3.70 23.23 1.96
C LEU C 128 -3.35 21.90 2.62
N TYR C 129 -3.79 20.80 2.02
CA TYR C 129 -3.45 19.46 2.53
C TYR C 129 -1.95 19.20 2.46
N LYS C 130 -1.35 19.54 1.32
CA LYS C 130 0.08 19.29 1.12
C LYS C 130 0.92 20.14 2.06
N LYS C 131 0.45 21.36 2.32
CA LYS C 131 1.04 22.23 3.33
C LYS C 131 0.93 21.67 4.75
N ALA C 132 -0.22 21.10 5.10
CA ALA C 132 -0.43 20.62 6.47
C ALA C 132 0.29 19.31 6.79
N PHE C 133 0.55 18.49 5.78
CA PHE C 133 0.99 17.12 6.06
C PHE C 133 2.38 16.81 5.52
N SER C 134 3.30 16.59 6.45
CA SER C 134 4.71 16.28 6.15
C SER C 134 4.89 14.88 5.53
N THR C 135 3.86 14.04 5.68
CA THR C 135 3.92 12.67 5.13
C THR C 135 3.33 12.57 3.75
N TRP C 136 2.70 13.65 3.27
CA TRP C 136 2.16 13.69 1.91
C TRP C 136 3.24 13.46 0.86
N LYS C 137 3.08 12.36 0.11
CA LYS C 137 4.06 11.93 -0.87
C LYS C 137 3.36 11.34 -2.08
N GLY C 138 3.86 11.68 -3.27
CA GLY C 138 3.23 11.27 -4.52
C GLY C 138 1.77 11.67 -4.60
N LYS C 139 0.95 10.78 -5.14
CA LYS C 139 -0.49 10.95 -5.17
C LYS C 139 -1.09 10.91 -3.76
N TYR C 140 -0.47 10.10 -2.89
CA TYR C 140 -0.89 9.93 -1.50
C TYR C 140 -2.36 9.50 -1.37
N ASN C 141 -2.98 9.72 -0.21
CA ASN C 141 -4.31 9.15 0.05
C ASN C 141 -4.90 9.86 1.25
N LEU C 142 -6.22 10.05 1.23
CA LEU C 142 -6.93 10.60 2.39
C LEU C 142 -6.59 9.86 3.67
N TYR C 143 -6.46 8.54 3.61
CA TYR C 143 -6.28 7.78 4.85
C TYR C 143 -4.92 8.06 5.50
N GLY C 144 -3.92 8.30 4.65
CA GLY C 144 -2.59 8.70 5.11
C GLY C 144 -2.64 10.01 5.86
N ALA C 145 -3.35 10.98 5.27
CA ALA C 145 -3.51 12.31 5.85
C ALA C 145 -4.27 12.26 7.17
N PHE C 146 -5.30 11.41 7.23
CA PHE C 146 -6.07 11.21 8.46
C PHE C 146 -5.19 10.62 9.56
N LEU C 147 -4.32 9.67 9.20
CA LEU C 147 -3.38 9.12 10.18
C LEU C 147 -2.40 10.17 10.73
N GLU C 148 -1.82 10.96 9.84
CA GLU C 148 -0.88 11.99 10.27
C GLU C 148 -1.59 13.03 11.14
N LYS C 149 -2.75 13.50 10.67
CA LYS C 149 -3.60 14.42 11.45
C LYS C 149 -3.89 13.90 12.85
N ALA C 150 -4.32 12.64 12.95
CA ALA C 150 -4.69 12.05 14.24
C ALA C 150 -3.50 11.99 15.19
N VAL C 151 -2.35 11.55 14.68
CA VAL C 151 -1.12 11.52 15.49
C VAL C 151 -0.80 12.92 16.02
N ARG C 152 -0.85 13.92 15.14
CA ARG C 152 -0.65 15.32 15.54
C ARG C 152 -1.65 15.85 16.59
N LEU C 153 -2.83 15.23 16.66
CA LEU C 153 -3.84 15.67 17.62
C LEU C 153 -3.79 14.94 18.95
N LEU C 154 -2.87 13.98 19.08
CA LEU C 154 -2.69 13.21 20.29
C LEU C 154 -1.90 13.98 21.34
N LYS C 155 -2.33 13.90 22.59
CA LYS C 155 -1.50 14.26 23.74
C LYS C 155 -0.37 13.24 23.82
N PRO C 156 0.78 13.63 24.41
CA PRO C 156 1.82 12.63 24.68
C PRO C 156 1.22 11.47 25.43
N GLY C 157 1.55 10.25 25.03
CA GLY C 157 0.99 9.05 25.62
C GLY C 157 -0.40 8.69 25.08
N GLY C 158 -0.96 9.56 24.26
CA GLY C 158 -2.29 9.32 23.67
C GLY C 158 -2.30 8.08 22.78
N VAL C 159 -3.48 7.52 22.57
CA VAL C 159 -3.65 6.31 21.75
C VAL C 159 -4.59 6.58 20.57
N LEU C 160 -4.21 6.02 19.43
CA LEU C 160 -4.98 6.10 18.20
C LEU C 160 -5.30 4.66 17.75
N VAL C 161 -6.56 4.40 17.44
CA VAL C 161 -6.97 3.09 16.89
C VAL C 161 -7.80 3.27 15.63
N PHE C 162 -7.17 3.02 14.48
CA PHE C 162 -7.79 3.20 13.16
C PHE C 162 -7.86 1.85 12.40
N VAL C 163 -8.88 1.69 11.57
CA VAL C 163 -8.86 0.63 10.57
C VAL C 163 -8.67 1.31 9.20
N VAL C 164 -7.68 0.81 8.46
CA VAL C 164 -7.20 1.42 7.22
C VAL C 164 -6.76 0.30 6.26
N PRO C 165 -6.65 0.62 4.95
CA PRO C 165 -6.10 -0.36 4.03
C PRO C 165 -4.66 -0.74 4.41
N ALA C 166 -4.28 -1.96 4.05
CA ALA C 166 -2.92 -2.47 4.33
C ALA C 166 -1.81 -1.87 3.44
N THR C 167 -2.19 -1.03 2.47
CA THR C 167 -1.24 -0.63 1.41
C THR C 167 -0.01 0.14 1.97
N TRP C 168 -0.22 0.85 3.08
CA TRP C 168 0.83 1.65 3.70
C TRP C 168 1.98 0.83 4.32
N LEU C 169 1.73 -0.46 4.56
CA LEU C 169 2.78 -1.37 5.06
C LEU C 169 3.97 -1.44 4.09
N VAL C 170 3.69 -1.35 2.78
CA VAL C 170 4.68 -1.68 1.74
C VAL C 170 4.93 -0.63 0.67
N LEU C 171 3.98 0.26 0.44
CA LEU C 171 4.07 1.20 -0.69
C LEU C 171 4.94 2.42 -0.45
N GLU C 172 5.66 2.81 -1.50
CA GLU C 172 6.53 3.98 -1.49
C GLU C 172 5.83 5.29 -1.14
N ASP C 173 4.58 5.45 -1.57
CA ASP C 173 3.80 6.68 -1.23
C ASP C 173 3.69 6.89 0.27
N PHE C 174 3.83 5.81 1.05
CA PHE C 174 3.66 5.85 2.50
C PHE C 174 4.97 5.74 3.29
N ALA C 175 6.10 5.86 2.59
CA ALA C 175 7.40 5.79 3.26
C ALA C 175 7.56 6.87 4.35
N LEU C 176 7.16 8.10 4.03
CA LEU C 176 7.24 9.20 4.98
C LEU C 176 6.29 8.97 6.15
N LEU C 177 5.12 8.41 5.86
CA LEU C 177 4.16 8.04 6.90
C LEU C 177 4.75 7.01 7.88
N ARG C 178 5.38 5.97 7.34
CA ARG C 178 5.99 4.93 8.19
C ARG C 178 7.12 5.51 9.05
N GLU C 179 7.92 6.38 8.46
CA GLU C 179 9.05 7.00 9.16
C GLU C 179 8.56 7.92 10.28
N PHE C 180 7.49 8.65 9.98
CA PHE C 180 6.80 9.52 10.92
C PHE C 180 6.28 8.71 12.13
N LEU C 181 5.50 7.65 11.88
CA LEU C 181 4.99 6.80 12.96
C LEU C 181 6.14 6.21 13.81
N ALA C 182 7.17 5.70 13.14
CA ALA C 182 8.33 5.13 13.80
C ALA C 182 8.98 6.10 14.80
N ARG C 183 9.10 7.39 14.44
CA ARG C 183 9.72 8.37 15.35
C ARG C 183 8.76 9.07 16.36
N GLU C 184 7.46 9.01 16.09
CA GLU C 184 6.48 9.71 16.92
C GLU C 184 5.99 8.89 18.10
N GLY C 185 6.22 7.57 18.07
CA GLY C 185 5.74 6.69 19.13
C GLY C 185 5.88 5.22 18.82
N LYS C 186 5.01 4.40 19.40
CA LYS C 186 5.01 2.94 19.20
C LYS C 186 3.79 2.47 18.42
N THR C 187 4.01 1.51 17.52
CA THR C 187 2.99 1.09 16.56
C THR C 187 2.74 -0.40 16.69
N SER C 188 1.46 -0.77 16.79
CA SER C 188 1.04 -2.15 16.61
C SER C 188 0.15 -2.21 15.38
N VAL C 189 0.48 -3.13 14.48
CA VAL C 189 -0.33 -3.41 13.28
C VAL C 189 -0.91 -4.80 13.41
N TYR C 190 -2.25 -4.88 13.25
CA TYR C 190 -3.02 -6.12 13.29
C TYR C 190 -3.68 -6.37 11.94
N TYR C 191 -3.24 -7.44 11.27
CA TYR C 191 -3.78 -7.76 9.96
C TYR C 191 -5.17 -8.37 10.09
N LEU C 192 -6.14 -7.80 9.37
CA LEU C 192 -7.49 -8.39 9.31
C LEU C 192 -7.70 -9.04 7.93
N GLY C 193 -7.20 -8.37 6.90
CA GLY C 193 -7.48 -8.80 5.54
C GLY C 193 -8.82 -8.32 5.03
N GLU C 194 -9.42 -9.10 4.15
CA GLU C 194 -10.61 -8.66 3.43
C GLU C 194 -11.87 -8.98 4.24
N VAL C 195 -12.14 -8.16 5.24
CA VAL C 195 -13.24 -8.43 6.18
C VAL C 195 -14.44 -7.49 6.05
N PHE C 196 -14.40 -6.60 5.07
CA PHE C 196 -15.53 -5.76 4.74
C PHE C 196 -16.29 -6.42 3.58
N PRO C 197 -17.52 -6.88 3.83
CA PRO C 197 -18.30 -7.47 2.74
C PRO C 197 -18.56 -6.41 1.67
N GLN C 198 -18.62 -6.83 0.41
CA GLN C 198 -18.86 -5.91 -0.72
C GLN C 198 -17.84 -4.75 -0.84
N LYS C 199 -16.73 -4.84 -0.12
CA LYS C 199 -15.60 -3.92 -0.30
C LYS C 199 -14.30 -4.71 -0.51
N LYS C 200 -13.64 -4.46 -1.65
CA LYS C 200 -12.45 -5.20 -2.05
C LYS C 200 -11.20 -4.55 -1.47
N VAL C 201 -11.03 -4.59 -0.16
CA VAL C 201 -9.85 -4.03 0.49
C VAL C 201 -9.28 -5.02 1.52
N SER C 202 -7.97 -5.15 1.54
CA SER C 202 -7.30 -5.86 2.61
C SER C 202 -6.96 -4.84 3.68
N ALA C 203 -7.53 -5.02 4.86
CA ALA C 203 -7.45 -4.02 5.92
C ALA C 203 -6.54 -4.43 7.09
N VAL C 204 -6.00 -3.42 7.78
CA VAL C 204 -5.30 -3.65 9.05
C VAL C 204 -5.87 -2.72 10.10
N VAL C 205 -5.70 -3.06 11.38
CA VAL C 205 -5.93 -2.09 12.45
C VAL C 205 -4.55 -1.56 12.85
N ILE C 206 -4.45 -0.26 13.01
CA ILE C 206 -3.27 0.34 13.61
C ILE C 206 -3.61 0.85 15.01
N ARG C 207 -2.88 0.35 16.01
CA ARG C 207 -2.89 0.93 17.35
C ARG C 207 -1.57 1.64 17.57
N PHE C 208 -1.61 2.96 17.61
CA PHE C 208 -0.42 3.79 17.82
C PHE C 208 -0.53 4.53 19.16
N GLN C 209 0.58 4.62 19.88
CA GLN C 209 0.62 5.40 21.11
C GLN C 209 1.77 6.39 21.03
N LYS C 210 1.48 7.63 21.40
CA LYS C 210 2.41 8.73 21.25
C LYS C 210 3.45 8.70 22.37
N SER C 211 4.21 7.61 22.42
CA SER C 211 5.25 7.37 23.43
C SER C 211 5.98 6.07 23.11
N GLY C 212 7.21 5.94 23.62
CA GLY C 212 8.00 4.77 23.34
C GLY C 212 8.34 4.67 21.85
N LYS C 213 8.52 3.44 21.39
CA LYS C 213 9.03 3.19 20.05
C LYS C 213 8.86 1.73 19.65
N GLY C 214 9.17 1.44 18.39
CA GLY C 214 9.13 0.09 17.90
C GLY C 214 7.81 -0.24 17.22
N LEU C 215 7.82 -1.41 16.59
CA LEU C 215 6.68 -1.95 15.87
C LEU C 215 6.42 -3.36 16.38
N SER C 216 5.15 -3.65 16.63
CA SER C 216 4.69 -5.01 16.89
C SER C 216 3.75 -5.41 15.76
N LEU C 217 4.02 -6.54 15.12
CA LEU C 217 3.13 -7.07 14.07
C LEU C 217 2.30 -8.27 14.51
N TRP C 218 0.98 -8.15 14.35
CA TRP C 218 0.04 -9.17 14.80
C TRP C 218 -0.76 -9.73 13.64
N ASP C 219 -0.99 -11.04 13.67
CA ASP C 219 -2.02 -11.64 12.85
C ASP C 219 -3.34 -11.60 13.65
N THR C 220 -4.45 -11.92 13.00
CA THR C 220 -5.70 -12.11 13.73
C THR C 220 -6.42 -13.37 13.29
N GLN C 221 -7.33 -13.84 14.14
CA GLN C 221 -8.25 -14.91 13.78
C GLN C 221 -9.64 -14.54 14.29
N GLU C 222 -10.64 -14.79 13.46
CA GLU C 222 -12.03 -14.59 13.84
C GLU C 222 -12.32 -15.31 15.15
N SER C 223 -13.10 -14.66 16.01
CA SER C 223 -13.51 -15.25 17.28
C SER C 223 -14.91 -14.76 17.69
N GLU C 224 -15.47 -15.36 18.73
CA GLU C 224 -16.81 -15.02 19.19
C GLU C 224 -16.87 -13.58 19.74
N SER C 225 -15.72 -13.08 20.18
CA SER C 225 -15.57 -11.67 20.54
C SER C 225 -15.36 -10.82 19.28
N GLY C 226 -14.90 -11.47 18.21
CA GLY C 226 -14.72 -10.83 16.91
C GLY C 226 -13.42 -11.27 16.27
N PHE C 227 -12.32 -10.69 16.73
CA PHE C 227 -10.99 -11.07 16.28
C PHE C 227 -10.09 -11.31 17.49
N THR C 228 -9.31 -12.39 17.43
CA THR C 228 -8.28 -12.67 18.41
C THR C 228 -6.93 -12.34 17.79
N PRO C 229 -6.16 -11.45 18.44
CA PRO C 229 -4.84 -11.10 17.87
C PRO C 229 -3.78 -12.15 18.22
N ILE C 230 -2.85 -12.38 17.30
CA ILE C 230 -1.78 -13.34 17.51
C ILE C 230 -0.46 -12.63 17.21
N LEU C 231 0.40 -12.52 18.20
CA LEU C 231 1.65 -11.80 17.97
C LEU C 231 2.48 -12.55 16.93
N TRP C 232 2.89 -11.84 15.90
CA TRP C 232 3.66 -12.44 14.80
C TRP C 232 5.15 -12.17 14.96
N ALA C 233 5.51 -10.90 15.07
CA ALA C 233 6.91 -10.51 15.19
C ALA C 233 7.01 -9.13 15.82
N GLU C 234 8.14 -8.87 16.46
CA GLU C 234 8.41 -7.58 17.04
C GLU C 234 9.66 -6.96 16.44
N TYR C 235 9.60 -5.67 16.17
CA TYR C 235 10.72 -4.93 15.60
C TYR C 235 10.96 -3.73 16.48
N PRO C 236 11.68 -3.94 17.61
CA PRO C 236 11.84 -2.86 18.57
C PRO C 236 12.56 -1.65 18.04
N HIS C 237 13.30 -1.81 16.95
CA HIS C 237 14.10 -0.72 16.41
C HIS C 237 13.58 -0.19 15.07
N TRP C 238 12.30 -0.47 14.78
CA TRP C 238 11.65 -0.02 13.55
C TRP C 238 11.85 1.46 13.25
N GLU C 239 12.38 1.75 12.06
CA GLU C 239 12.55 3.12 11.61
C GLU C 239 11.65 3.52 10.42
N GLY C 240 10.67 2.67 10.11
CA GLY C 240 9.74 2.99 9.02
C GLY C 240 9.94 2.12 7.80
N GLU C 241 10.73 1.06 7.96
CA GLU C 241 10.94 0.07 6.91
C GLU C 241 9.61 -0.56 6.54
N ILE C 242 9.49 -1.02 5.30
CA ILE C 242 8.36 -1.84 4.87
C ILE C 242 8.05 -2.96 5.86
N ILE C 243 6.76 -3.19 6.10
CA ILE C 243 6.31 -4.16 7.09
C ILE C 243 5.90 -5.41 6.34
N ARG C 244 6.43 -6.56 6.77
CA ARG C 244 6.22 -7.83 6.08
C ARG C 244 5.97 -8.91 7.10
N PHE C 245 5.26 -9.96 6.68
CA PHE C 245 5.10 -11.17 7.50
C PHE C 245 6.27 -12.14 7.23
N GLU C 246 7.35 -11.96 7.98
CA GLU C 246 8.51 -12.84 7.89
C GLU C 246 8.31 -14.17 8.61
N THR C 247 8.90 -15.23 8.05
CA THR C 247 8.92 -16.55 8.69
C THR C 247 10.35 -17.08 8.67
N GLU C 248 10.60 -18.14 9.45
CA GLU C 248 11.88 -18.84 9.35
C GLU C 248 12.26 -19.09 7.89
N GLU C 249 11.31 -19.61 7.11
CA GLU C 249 11.60 -19.95 5.72
C GLU C 249 11.86 -18.74 4.80
N THR C 250 11.13 -17.64 4.96
CA THR C 250 11.41 -16.42 4.16
C THR C 250 12.77 -15.82 4.52
N ARG C 251 13.10 -15.81 5.82
CA ARG C 251 14.38 -15.31 6.27
C ARG C 251 15.56 -16.14 5.75
N LYS C 252 15.43 -17.46 5.89
CA LYS C 252 16.43 -18.40 5.42
C LYS C 252 16.70 -18.24 3.93
N LEU C 253 15.63 -18.18 3.12
CA LEU C 253 15.78 -18.04 1.67
C LEU C 253 16.52 -16.74 1.33
N GLU C 254 16.13 -15.63 1.96
CA GLU C 254 16.77 -14.35 1.69
C GLU C 254 18.25 -14.40 2.00
N ILE C 255 18.61 -14.97 3.14
CA ILE C 255 20.03 -14.98 3.45
C ILE C 255 20.82 -16.02 2.65
N SER C 256 20.14 -17.09 2.21
CA SER C 256 20.80 -18.10 1.38
C SER C 256 21.21 -17.55 0.01
N GLY C 257 20.43 -16.58 -0.50
CA GLY C 257 20.66 -16.00 -1.81
C GLY C 257 21.15 -14.57 -1.72
N MET C 258 20.97 -13.81 -2.79
CA MET C 258 21.26 -12.39 -2.79
C MET C 258 20.08 -11.67 -3.44
N PRO C 259 19.95 -10.33 -3.23
CA PRO C 259 18.79 -9.66 -3.83
C PRO C 259 18.90 -9.58 -5.35
N LEU C 260 17.80 -9.86 -6.03
CA LEU C 260 17.69 -9.67 -7.47
C LEU C 260 18.15 -8.26 -7.89
N GLY C 261 17.80 -7.25 -7.08
CA GLY C 261 18.11 -5.85 -7.39
C GLY C 261 19.59 -5.53 -7.42
N ASP C 262 20.42 -6.41 -6.87
CA ASP C 262 21.87 -6.20 -6.92
C ASP C 262 22.48 -6.68 -8.24
N LEU C 263 21.70 -7.41 -9.03
CA LEU C 263 22.13 -7.96 -10.31
C LEU C 263 21.57 -7.21 -11.52
N PHE C 264 20.45 -6.51 -11.31
CA PHE C 264 19.69 -5.90 -12.39
C PHE C 264 19.27 -4.49 -12.04
N HIS C 265 19.39 -3.60 -13.02
CA HIS C 265 18.64 -2.35 -12.99
C HIS C 265 17.19 -2.72 -13.31
N ILE C 266 16.26 -2.15 -12.54
CA ILE C 266 14.84 -2.39 -12.79
C ILE C 266 14.19 -1.11 -13.29
N ARG C 267 13.60 -1.17 -14.49
CA ARG C 267 12.93 0.00 -15.08
C ARG C 267 11.47 -0.35 -15.29
N PHE C 268 10.62 0.66 -15.44
CA PHE C 268 9.23 0.39 -15.83
C PHE C 268 9.04 0.73 -17.30
N ALA C 269 8.03 0.11 -17.91
CA ALA C 269 7.67 0.39 -19.30
C ALA C 269 7.31 1.86 -19.46
N ALA C 270 7.61 2.41 -20.64
CA ALA C 270 7.02 3.68 -21.07
C ALA C 270 5.51 3.58 -20.86
N ARG C 271 4.88 4.71 -20.52
CA ARG C 271 3.45 4.75 -20.20
C ARG C 271 2.61 5.00 -21.45
N SER C 272 1.33 4.69 -21.36
CA SER C 272 0.40 4.80 -22.53
C SER C 272 0.42 6.15 -23.28
N PRO C 273 0.48 7.30 -22.56
CA PRO C 273 0.49 8.56 -23.33
C PRO C 273 1.79 8.82 -24.10
N GLU C 274 2.91 8.30 -23.60
CA GLU C 274 4.18 8.32 -24.33
C GLU C 274 4.04 7.64 -25.70
N PHE C 275 3.40 6.47 -25.72
CA PHE C 275 3.12 5.79 -26.98
C PHE C 275 2.13 6.59 -27.83
N LYS C 276 1.09 7.13 -27.20
CA LYS C 276 0.04 7.79 -27.98
C LYS C 276 0.57 9.05 -28.66
N LYS C 277 1.62 9.63 -28.11
CA LYS C 277 2.22 10.81 -28.73
C LYS C 277 3.39 10.55 -29.70
N HIS C 278 3.80 9.30 -29.82
CA HIS C 278 4.91 8.93 -30.71
C HIS C 278 4.43 8.90 -32.17
N PRO C 279 5.20 9.48 -33.12
CA PRO C 279 4.71 9.57 -34.51
C PRO C 279 4.45 8.25 -35.26
N ALA C 280 5.08 7.15 -34.84
CA ALA C 280 4.97 5.87 -35.52
C ALA C 280 3.89 4.96 -34.95
N VAL C 281 3.27 5.37 -33.84
CA VAL C 281 2.26 4.52 -33.20
C VAL C 281 0.92 4.71 -33.92
N ARG C 282 0.21 3.61 -34.09
CA ARG C 282 -1.08 3.58 -34.77
C ARG C 282 -2.10 2.85 -33.92
N LYS C 283 -3.38 3.11 -34.20
CA LYS C 283 -4.49 2.48 -33.48
C LYS C 283 -5.03 1.25 -34.24
N GLU C 284 -4.29 0.84 -35.26
CA GLU C 284 -4.72 -0.24 -36.15
C GLU C 284 -3.53 -1.12 -36.55
N PRO C 285 -3.74 -2.44 -36.79
CA PRO C 285 -2.62 -3.23 -37.28
C PRO C 285 -2.29 -2.84 -38.71
N GLY C 286 -1.09 -3.15 -39.17
CA GLY C 286 -0.71 -2.82 -40.54
C GLY C 286 0.58 -3.50 -40.92
N PRO C 287 1.01 -3.37 -42.20
CA PRO C 287 2.29 -3.98 -42.56
C PRO C 287 3.45 -3.36 -41.79
N GLY C 288 4.32 -4.21 -41.26
CA GLY C 288 5.52 -3.80 -40.53
C GLY C 288 5.23 -3.33 -39.10
N LEU C 289 4.01 -3.52 -38.64
CA LEU C 289 3.63 -3.10 -37.29
C LEU C 289 3.42 -4.30 -36.40
N VAL C 290 3.70 -4.09 -35.12
CA VAL C 290 3.67 -5.10 -34.10
C VAL C 290 2.78 -4.58 -32.93
N PRO C 291 2.05 -5.47 -32.21
CA PRO C 291 1.28 -4.93 -31.07
C PRO C 291 2.16 -4.35 -29.97
N VAL C 292 1.69 -3.26 -29.36
CA VAL C 292 2.31 -2.77 -28.12
C VAL C 292 1.78 -3.60 -26.96
N LEU C 293 2.69 -4.30 -26.29
CA LEU C 293 2.31 -5.36 -25.33
C LEU C 293 1.91 -4.77 -23.98
N THR C 294 1.00 -5.46 -23.29
CA THR C 294 0.63 -5.10 -21.92
C THR C 294 0.88 -6.30 -21.00
N GLY C 295 0.45 -6.19 -19.75
CA GLY C 295 0.58 -7.28 -18.78
C GLY C 295 -0.18 -8.52 -19.16
N ARG C 296 -1.26 -8.36 -19.93
CA ARG C 296 -2.03 -9.48 -20.46
C ARG C 296 -1.26 -10.33 -21.48
N ASN C 297 -0.20 -9.77 -22.05
CA ASN C 297 0.66 -10.51 -22.96
C ASN C 297 1.73 -11.34 -22.25
N LEU C 298 2.00 -11.02 -20.98
CA LEU C 298 3.07 -11.65 -20.25
C LEU C 298 2.52 -12.88 -19.54
N LYS C 299 3.15 -14.03 -19.75
CA LYS C 299 2.72 -15.29 -19.14
C LYS C 299 3.91 -15.89 -18.37
N PRO C 300 3.67 -16.93 -17.55
CA PRO C 300 4.81 -17.46 -16.80
C PRO C 300 5.76 -18.24 -17.71
N GLY C 301 6.88 -17.62 -18.05
CA GLY C 301 7.88 -18.22 -18.92
C GLY C 301 7.64 -18.08 -20.41
N TRP C 302 6.62 -17.32 -20.81
CA TRP C 302 6.41 -17.03 -22.24
C TRP C 302 5.65 -15.74 -22.49
N VAL C 303 5.77 -15.22 -23.70
CA VAL C 303 5.09 -13.99 -24.10
C VAL C 303 4.11 -14.30 -25.24
N ASP C 304 2.88 -13.84 -25.09
CA ASP C 304 1.91 -13.89 -26.18
C ASP C 304 2.12 -12.66 -27.07
N TYR C 305 2.71 -12.87 -28.25
CA TYR C 305 2.94 -11.76 -29.19
C TYR C 305 1.77 -11.47 -30.15
N GLU C 306 0.69 -12.22 -30.02
CA GLU C 306 -0.39 -12.23 -31.01
C GLU C 306 -1.49 -11.25 -30.68
N LYS C 307 -2.15 -11.47 -29.55
CA LYS C 307 -3.30 -10.69 -29.12
C LYS C 307 -2.91 -9.29 -28.70
N ASN C 308 -3.63 -8.30 -29.20
CA ASN C 308 -3.41 -6.92 -28.83
C ASN C 308 -4.38 -6.50 -27.73
N HIS C 309 -3.84 -6.04 -26.60
CA HIS C 309 -4.66 -5.60 -25.48
C HIS C 309 -4.57 -4.09 -25.28
N SER C 310 -3.64 -3.44 -25.98
CA SER C 310 -3.38 -2.00 -25.79
C SER C 310 -4.17 -1.08 -26.74
N GLY C 311 -4.62 -1.62 -27.86
CA GLY C 311 -5.21 -0.77 -28.91
C GLY C 311 -4.16 -0.04 -29.73
N LEU C 312 -2.88 -0.36 -29.50
CA LEU C 312 -1.75 0.34 -30.14
C LEU C 312 -0.82 -0.60 -30.87
N TRP C 313 -0.35 -0.16 -32.04
CA TRP C 313 0.62 -0.89 -32.85
C TRP C 313 1.75 0.06 -33.24
N MET C 314 2.95 -0.48 -33.42
CA MET C 314 4.08 0.33 -33.93
C MET C 314 5.14 -0.55 -34.59
N PRO C 315 6.02 0.07 -35.40
CA PRO C 315 7.20 -0.64 -35.92
C PRO C 315 8.07 -1.08 -34.75
N LYS C 316 8.33 -2.39 -34.67
CA LYS C 316 9.12 -2.95 -33.57
C LYS C 316 10.44 -2.19 -33.37
N GLU C 317 11.12 -1.90 -34.49
CA GLU C 317 12.44 -1.29 -34.46
C GLU C 317 12.46 0.16 -33.93
N ARG C 318 11.31 0.79 -33.79
CA ARG C 318 11.27 2.19 -33.30
C ARG C 318 10.95 2.30 -31.81
N ALA C 319 10.67 1.16 -31.19
CA ALA C 319 10.34 1.12 -29.75
C ALA C 319 11.48 1.68 -28.90
N LYS C 320 12.73 1.46 -29.32
CA LYS C 320 13.91 1.93 -28.60
C LYS C 320 13.96 3.45 -28.47
N GLU C 321 13.20 4.15 -29.31
CA GLU C 321 13.07 5.59 -29.19
C GLU C 321 12.37 6.02 -27.89
N LEU C 322 11.47 5.19 -27.39
CA LEU C 322 10.76 5.46 -26.12
C LEU C 322 11.60 5.06 -24.90
N ARG C 323 12.18 3.87 -24.93
CA ARG C 323 13.21 3.46 -23.96
C ARG C 323 14.25 2.64 -24.69
N ASP C 324 15.52 2.93 -24.41
CA ASP C 324 16.63 2.27 -25.09
C ASP C 324 16.63 0.77 -24.88
N PHE C 325 16.11 0.32 -23.73
CA PHE C 325 16.12 -1.12 -23.39
C PHE C 325 15.15 -1.96 -24.22
N TYR C 326 14.24 -1.31 -24.95
CA TYR C 326 13.38 -2.05 -25.87
C TYR C 326 14.15 -2.65 -27.05
N ALA C 327 15.39 -2.22 -27.26
CA ALA C 327 16.17 -2.65 -28.43
C ALA C 327 16.62 -4.12 -28.38
N THR C 328 16.80 -4.67 -27.18
CA THR C 328 17.35 -6.03 -27.06
C THR C 328 16.53 -6.94 -26.16
N PRO C 329 16.57 -8.26 -26.42
CA PRO C 329 15.89 -9.20 -25.53
C PRO C 329 16.31 -8.99 -24.09
N HIS C 330 15.35 -9.11 -23.19
CA HIS C 330 15.57 -8.87 -21.78
C HIS C 330 14.45 -9.50 -20.97
N LEU C 331 14.67 -9.55 -19.66
CA LEU C 331 13.73 -10.10 -18.71
C LEU C 331 12.61 -9.11 -18.40
N VAL C 332 11.38 -9.60 -18.43
CA VAL C 332 10.18 -8.80 -18.14
C VAL C 332 9.47 -9.48 -16.96
N VAL C 333 9.13 -8.71 -15.93
CA VAL C 333 8.41 -9.23 -14.75
C VAL C 333 7.10 -8.47 -14.52
N ALA C 334 6.05 -9.21 -14.17
CA ALA C 334 4.70 -8.65 -14.04
C ALA C 334 4.47 -7.76 -12.81
N HIS C 335 3.70 -6.70 -13.04
CA HIS C 335 3.34 -5.76 -11.98
C HIS C 335 1.92 -5.96 -11.45
N THR C 336 1.00 -6.47 -12.27
CA THR C 336 -0.43 -6.47 -11.89
C THR C 336 -1.11 -7.82 -12.10
N LYS C 337 -0.54 -8.84 -11.47
CA LYS C 337 -1.14 -10.17 -11.46
C LYS C 337 -1.33 -10.61 -10.01
N GLY C 338 -1.37 -9.62 -9.12
CA GLY C 338 -1.45 -9.86 -7.68
C GLY C 338 -0.08 -10.11 -7.08
N THR C 339 -0.07 -10.72 -5.89
CA THR C 339 1.15 -11.03 -5.16
C THR C 339 1.73 -12.33 -5.69
N ARG C 340 2.36 -12.22 -6.85
CA ARG C 340 2.88 -13.34 -7.60
C ARG C 340 4.13 -12.83 -8.31
N VAL C 341 5.02 -13.74 -8.69
CA VAL C 341 6.16 -13.42 -9.54
C VAL C 341 5.97 -14.16 -10.86
N VAL C 342 5.67 -13.41 -11.91
CA VAL C 342 5.41 -13.95 -13.24
C VAL C 342 6.44 -13.32 -14.17
N ALA C 343 7.34 -14.15 -14.71
CA ALA C 343 8.50 -13.65 -15.48
C ALA C 343 8.63 -14.33 -16.83
N ALA C 344 9.17 -13.58 -17.81
CA ALA C 344 9.52 -14.13 -19.12
C ALA C 344 10.69 -13.40 -19.76
N TRP C 345 11.42 -14.11 -20.61
CA TRP C 345 12.43 -13.53 -21.48
C TRP C 345 11.73 -13.10 -22.77
N ASP C 346 11.78 -11.80 -23.07
CA ASP C 346 11.18 -11.32 -24.30
C ASP C 346 12.26 -11.42 -25.37
N GLU C 347 12.25 -12.55 -26.08
CA GLU C 347 13.31 -12.85 -27.04
C GLU C 347 13.17 -12.01 -28.31
N ARG C 348 11.95 -11.54 -28.59
CA ARG C 348 11.73 -10.71 -29.78
C ARG C 348 12.03 -9.23 -29.57
N ALA C 349 12.11 -8.79 -28.32
CA ALA C 349 12.32 -7.36 -27.98
C ALA C 349 11.24 -6.46 -28.58
N TYR C 350 10.00 -6.71 -28.15
CA TYR C 350 8.82 -5.97 -28.56
C TYR C 350 8.63 -4.69 -27.75
N PRO C 351 7.79 -3.77 -28.25
CA PRO C 351 7.40 -2.64 -27.41
C PRO C 351 6.41 -3.10 -26.32
N TRP C 352 6.64 -2.62 -25.10
CA TRP C 352 5.78 -2.88 -23.95
C TRP C 352 5.26 -1.57 -23.36
N ARG C 353 3.96 -1.55 -23.06
CA ARG C 353 3.33 -0.39 -22.40
C ARG C 353 3.17 -0.65 -20.89
N GLU C 354 3.47 -1.88 -20.46
CA GLU C 354 3.38 -2.23 -19.02
C GLU C 354 4.52 -3.09 -18.56
N GLU C 355 4.59 -3.30 -17.25
CA GLU C 355 5.49 -4.27 -16.57
C GLU C 355 6.90 -3.76 -16.25
N PHE C 356 7.61 -4.55 -15.44
CA PHE C 356 9.02 -4.28 -15.11
C PHE C 356 9.94 -4.89 -16.16
N HIS C 357 11.03 -4.19 -16.43
CA HIS C 357 12.01 -4.59 -17.44
C HIS C 357 13.36 -4.52 -16.78
N LEU C 358 14.01 -5.68 -16.72
CA LEU C 358 15.20 -5.85 -15.90
C LEU C 358 16.42 -5.99 -16.79
N LEU C 359 17.39 -5.12 -16.56
CA LEU C 359 18.61 -5.02 -17.36
C LEU C 359 19.83 -5.36 -16.51
N PRO C 360 20.64 -6.34 -16.94
CA PRO C 360 21.76 -6.78 -16.10
C PRO C 360 22.78 -5.67 -15.87
N LYS C 361 23.26 -5.56 -14.64
CA LYS C 361 24.27 -4.59 -14.27
C LYS C 361 25.62 -4.97 -14.87
N GLU C 362 26.53 -4.02 -14.90
CA GLU C 362 27.86 -4.23 -15.47
C GLU C 362 28.51 -5.52 -14.97
N GLY C 363 28.93 -6.37 -15.89
CA GLY C 363 29.67 -7.59 -15.55
C GLY C 363 28.84 -8.75 -15.04
N VAL C 364 27.52 -8.60 -15.03
CA VAL C 364 26.61 -9.68 -14.64
C VAL C 364 26.36 -10.57 -15.86
N ARG C 365 26.53 -11.88 -15.67
CA ARG C 365 26.38 -12.86 -16.74
C ARG C 365 25.51 -14.02 -16.26
N LEU C 366 24.28 -14.06 -16.73
CA LEU C 366 23.34 -15.09 -16.28
C LEU C 366 22.74 -15.88 -17.43
N ASP C 367 22.14 -17.01 -17.07
CA ASP C 367 21.34 -17.81 -18.00
C ASP C 367 19.88 -17.37 -17.86
N PRO C 368 19.33 -16.72 -18.90
CA PRO C 368 17.92 -16.28 -18.89
C PRO C 368 16.97 -17.39 -18.48
N SER C 369 17.11 -18.56 -19.09
CA SER C 369 16.14 -19.64 -18.88
C SER C 369 16.15 -20.13 -17.44
N SER C 370 17.33 -20.24 -16.84
CA SER C 370 17.46 -20.70 -15.45
C SER C 370 16.78 -19.71 -14.51
N LEU C 371 17.05 -18.42 -14.73
CA LEU C 371 16.51 -17.38 -13.86
C LEU C 371 15.00 -17.29 -13.99
N VAL C 372 14.49 -17.31 -15.24
CA VAL C 372 13.05 -17.36 -15.48
C VAL C 372 12.37 -18.51 -14.73
N GLN C 373 12.93 -19.71 -14.81
CA GLN C 373 12.36 -20.88 -14.14
C GLN C 373 12.33 -20.64 -12.63
N TRP C 374 13.42 -20.10 -12.08
CA TRP C 374 13.46 -19.79 -10.65
C TRP C 374 12.39 -18.77 -10.23
N LEU C 375 12.26 -17.68 -11.00
CA LEU C 375 11.29 -16.63 -10.65
C LEU C 375 9.86 -17.16 -10.70
N ASN C 376 9.56 -18.02 -11.68
CA ASN C 376 8.22 -18.60 -11.81
C ASN C 376 7.92 -19.79 -10.90
N SER C 377 8.91 -20.18 -10.10
CA SER C 377 8.78 -21.40 -9.30
C SER C 377 7.68 -21.28 -8.22
N GLU C 378 7.10 -22.42 -7.85
CA GLU C 378 6.17 -22.52 -6.74
C GLU C 378 6.78 -21.92 -5.47
N ALA C 379 8.06 -22.21 -5.24
CA ALA C 379 8.82 -21.72 -4.09
C ALA C 379 8.82 -20.19 -4.02
N MET C 380 9.07 -19.56 -5.15
CA MET C 380 9.01 -18.09 -5.23
C MET C 380 7.60 -17.53 -5.00
N GLN C 381 6.58 -18.19 -5.52
CA GLN C 381 5.19 -17.72 -5.32
C GLN C 381 4.85 -17.75 -3.82
N LYS C 382 5.26 -18.82 -3.15
CA LYS C 382 4.99 -18.98 -1.71
C LYS C 382 5.72 -17.93 -0.89
N HIS C 383 6.98 -17.67 -1.25
CA HIS C 383 7.80 -16.64 -0.62
C HIS C 383 7.12 -15.27 -0.59
N VAL C 384 6.68 -14.77 -1.75
CA VAL C 384 6.01 -13.46 -1.82
C VAL C 384 4.62 -13.43 -1.15
N ARG C 385 3.84 -14.51 -1.30
CA ARG C 385 2.54 -14.64 -0.62
C ARG C 385 2.67 -14.58 0.91
N THR C 386 3.74 -15.17 1.43
CA THR C 386 4.01 -15.18 2.87
C THR C 386 4.34 -13.77 3.38
N LEU C 387 5.32 -13.14 2.74
CA LEU C 387 5.77 -11.82 3.14
C LEU C 387 4.71 -10.74 2.96
N TYR C 388 3.99 -10.77 1.84
CA TYR C 388 3.20 -9.61 1.46
C TYR C 388 1.71 -9.86 1.39
N ARG C 389 1.31 -11.13 1.57
CA ARG C 389 -0.09 -11.55 1.60
C ARG C 389 -0.90 -10.89 0.47
N ASP C 390 -1.99 -10.20 0.82
CA ASP C 390 -2.81 -9.46 -0.17
C ASP C 390 -2.84 -7.94 0.13
N PHE C 391 -1.74 -7.39 0.66
CA PHE C 391 -1.71 -5.96 1.02
C PHE C 391 -2.08 -5.12 -0.18
N VAL C 392 -1.48 -5.44 -1.33
CA VAL C 392 -1.71 -4.69 -2.58
C VAL C 392 -1.86 -5.63 -3.77
N PRO C 393 -2.56 -5.19 -4.85
CA PRO C 393 -2.85 -6.09 -5.99
C PRO C 393 -1.72 -6.15 -7.03
N HIS C 394 -0.49 -5.97 -6.56
CA HIS C 394 0.68 -5.83 -7.42
C HIS C 394 1.88 -6.56 -6.82
N LEU C 395 2.80 -6.98 -7.69
CA LEU C 395 4.19 -7.13 -7.29
C LEU C 395 4.86 -5.75 -7.46
N THR C 396 5.34 -5.16 -6.38
CA THR C 396 5.90 -3.81 -6.49
C THR C 396 7.40 -3.89 -6.69
N LEU C 397 8.03 -2.77 -7.07
CA LEU C 397 9.47 -2.69 -7.18
C LEU C 397 10.21 -3.06 -5.88
N ARG C 398 9.73 -2.54 -4.76
CA ARG C 398 10.32 -2.87 -3.46
C ARG C 398 10.30 -4.37 -3.16
N MET C 399 9.27 -5.07 -3.59
CA MET C 399 9.21 -6.53 -3.43
C MET C 399 10.17 -7.21 -4.41
N LEU C 400 10.09 -6.81 -5.68
CA LEU C 400 10.88 -7.40 -6.76
C LEU C 400 12.38 -7.33 -6.53
N GLU C 401 12.89 -6.16 -6.14
CA GLU C 401 14.33 -5.97 -5.93
C GLU C 401 14.88 -6.85 -4.80
N ARG C 402 14.01 -7.25 -3.87
CA ARG C 402 14.42 -8.12 -2.77
C ARG C 402 14.32 -9.62 -3.04
N LEU C 403 13.76 -10.02 -4.17
CA LEU C 403 13.62 -11.46 -4.48
C LEU C 403 14.98 -12.17 -4.39
N PRO C 404 15.08 -13.28 -3.62
CA PRO C 404 16.39 -13.94 -3.50
C PRO C 404 16.74 -14.80 -4.71
N VAL C 405 17.94 -14.57 -5.24
CA VAL C 405 18.52 -15.39 -6.31
C VAL C 405 19.89 -15.93 -5.88
N ARG C 406 20.46 -16.85 -6.66
CA ARG C 406 21.78 -17.36 -6.37
C ARG C 406 22.79 -16.24 -6.18
N ARG C 407 23.66 -16.38 -5.17
CA ARG C 407 24.79 -15.45 -4.95
C ARG C 407 25.75 -15.52 -6.13
N GLU C 408 26.17 -14.34 -6.58
CA GLU C 408 27.07 -14.26 -7.74
C GLU C 408 28.43 -13.73 -7.33
N TYR C 409 29.47 -14.28 -7.95
CA TYR C 409 30.84 -13.87 -7.61
C TYR C 409 31.07 -12.40 -7.91
N GLY C 410 31.39 -11.64 -6.87
CA GLY C 410 31.56 -10.19 -6.98
C GLY C 410 30.52 -9.40 -6.18
N PHE C 411 29.56 -10.12 -5.59
CA PHE C 411 28.52 -9.57 -4.69
C PHE C 411 27.77 -10.68 -3.94
N HIS C 412 28.39 -11.20 -2.88
CA HIS C 412 27.87 -12.36 -2.13
C HIS C 412 26.79 -11.97 -1.09
N THR C 413 26.67 -12.77 -0.03
CA THR C 413 25.90 -12.41 1.19
C THR C 413 26.36 -13.17 2.46
N NEA D . -16.11 6.78 9.28
CB NEA D . -16.86 6.01 8.25
CG NEA D . -16.15 5.94 6.89
SD NEA D . -15.44 7.51 6.32
C5' NEA D . -17.00 8.20 5.67
C4' NEA D . -17.51 9.45 6.42
O4' NEA D . -16.49 10.41 6.56
C3' NEA D . -18.66 10.17 5.71
O3' NEA D . -19.65 10.37 6.69
C2' NEA D . -18.05 11.47 5.21
O2' NEA D . -18.92 12.57 5.21
C1' NEA D . -16.93 11.71 6.18
N9 NEA D . -15.78 12.50 5.69
C8 NEA D . -15.15 12.42 4.46
N7 NEA D . -14.12 13.30 4.47
C5 NEA D . -14.09 13.97 5.66
C6 NEA D . -13.25 14.96 6.19
N6 NEA D . -12.24 15.47 5.48
N1 NEA D . -13.47 15.43 7.46
C2 NEA D . -14.50 14.92 8.23
N3 NEA D . -15.31 13.94 7.69
C4 NEA D . -15.11 13.46 6.44
C1 GOL E . -12.60 3.18 4.84
O1 GOL E . -13.55 4.20 5.18
C2 GOL E . -12.79 1.80 5.47
O2 GOL E . -13.47 0.90 4.65
C3 GOL E . -11.47 1.13 5.83
O3 GOL E . -10.50 1.39 4.83
C1 GOL F . -11.72 15.67 1.54
O1 GOL F . -11.28 15.37 2.84
C2 GOL F . -13.19 16.06 1.59
O2 GOL F . -13.41 17.15 0.70
C3 GOL F . -14.08 14.89 1.19
O3 GOL F . -13.55 13.69 1.71
#